data_7AVX
#
_entry.id   7AVX
#
_cell.length_a   55.641
_cell.length_b   92.694
_cell.length_c   70.118
_cell.angle_alpha   90.000
_cell.angle_beta   105.910
_cell.angle_gamma   90.000
#
_symmetry.space_group_name_H-M   'P 1 21 1'
#
loop_
_entity.id
_entity.type
_entity.pdbx_description
1 polymer 'Tyrosine-protein kinase Mer'
2 non-polymer 1-(4-fluorophenyl)-N-[3-fluoro-4-[(3-phenyl-1H-pyrrolo[2,3-b]pyridin-4-yl)oxy]phenyl]-2,3-dimethyl-5-oxopyrazole-4-carboxamide
3 water water
#
_entity_poly.entity_id   1
_entity_poly.type   'polypeptide(L)'
_entity_poly.pdbx_seq_one_letter_code
;MGSSHHHHHHSSGLVPRGSEELQNKLEDVVIDRNLLILGKILGEGEFGSVMEGNLKQEDGTSLKVAVKTMKLDNSSQREI
EEFLSEAACMKDFSHPNVIRLLGVCIEMSSQGIPKPMVILPFMKYGDLHTYLLYSRLETGPKHIPLQTLLKFMVDIALGM
EYLSNRNFLHRDLAARNCMLRDDMTVCVADFGLSKKIYSGDYYRQGRIAKMPVKWIAIESLADRVYTSKSDVWAFGVTMW
EIATRGMTPYPGVQNHEMYDYLLHGHRLKQPEDCLDELYEIMYSCWRTDPLDRPTFSVLRLQLEKLLESLPDV
;
_entity_poly.pdbx_strand_id   A,B
#
# COMPACT_ATOMS: atom_id res chain seq x y z
N LEU A 26 -15.52 -2.79 -39.56
CA LEU A 26 -14.63 -1.72 -40.05
C LEU A 26 -14.65 -0.46 -39.11
N GLU A 27 -15.30 0.65 -39.60
CA GLU A 27 -15.46 1.92 -38.90
C GLU A 27 -16.81 2.02 -38.16
N ASP A 28 -17.38 0.85 -37.76
CA ASP A 28 -18.62 0.73 -36.98
C ASP A 28 -18.27 0.81 -35.47
N VAL A 29 -16.95 0.87 -35.17
CA VAL A 29 -16.41 1.05 -33.83
C VAL A 29 -16.20 2.58 -33.55
N VAL A 30 -15.95 3.38 -34.62
CA VAL A 30 -15.68 4.82 -34.51
C VAL A 30 -16.93 5.65 -34.26
N ILE A 31 -16.86 6.49 -33.24
CA ILE A 31 -17.92 7.44 -32.90
C ILE A 31 -17.47 8.81 -33.39
N ASP A 32 -18.40 9.57 -33.99
CA ASP A 32 -18.19 10.96 -34.42
C ASP A 32 -17.88 11.78 -33.16
N ARG A 33 -16.72 12.49 -33.15
CA ARG A 33 -16.26 13.32 -32.02
C ARG A 33 -17.30 14.36 -31.53
N ASN A 34 -18.14 14.86 -32.47
CA ASN A 34 -19.21 15.83 -32.25
C ASN A 34 -20.23 15.32 -31.20
N LEU A 35 -20.38 13.99 -31.08
CA LEU A 35 -21.28 13.31 -30.13
C LEU A 35 -20.66 13.17 -28.73
N LEU A 36 -19.46 13.68 -28.54
CA LEU A 36 -18.75 13.55 -27.27
C LEU A 36 -18.43 14.86 -26.61
N ILE A 37 -18.65 14.95 -25.31
CA ILE A 37 -18.29 16.11 -24.53
C ILE A 37 -17.37 15.57 -23.48
N LEU A 38 -16.18 16.16 -23.38
CA LEU A 38 -15.20 15.75 -22.38
C LEU A 38 -15.28 16.67 -21.18
N GLY A 39 -15.27 16.09 -20.00
CA GLY A 39 -15.35 16.83 -18.75
C GLY A 39 -14.07 16.80 -17.94
N LYS A 40 -14.22 16.70 -16.62
CA LYS A 40 -13.13 16.72 -15.64
C LYS A 40 -12.26 15.45 -15.70
N ILE A 41 -10.96 15.63 -15.50
CA ILE A 41 -10.01 14.54 -15.51
C ILE A 41 -10.15 13.77 -14.22
N LEU A 42 -10.47 12.49 -14.35
CA LEU A 42 -10.61 11.60 -13.24
C LEU A 42 -9.26 11.01 -12.77
N GLY A 43 -8.25 11.00 -13.65
CA GLY A 43 -6.93 10.46 -13.38
C GLY A 43 -6.01 10.39 -14.60
N GLU A 44 -4.68 10.45 -14.37
CA GLU A 44 -3.67 10.41 -15.44
C GLU A 44 -2.54 9.42 -15.13
N GLY A 45 -1.91 8.93 -16.18
CA GLY A 45 -0.77 8.02 -16.10
C GLY A 45 0.12 8.11 -17.31
N GLU A 46 0.90 7.03 -17.57
CA GLU A 46 1.79 6.92 -18.74
C GLU A 46 0.95 6.91 -20.02
N PHE A 47 -0.05 5.99 -20.07
CA PHE A 47 -1.03 5.75 -21.17
C PHE A 47 -1.86 6.98 -21.56
N GLY A 48 -1.95 7.97 -20.67
CA GLY A 48 -2.70 9.19 -20.91
C GLY A 48 -3.61 9.53 -19.77
N SER A 49 -4.75 10.17 -20.09
CA SER A 49 -5.72 10.61 -19.09
C SER A 49 -7.05 9.91 -19.20
N VAL A 50 -7.77 9.83 -18.09
CA VAL A 50 -9.14 9.34 -18.02
C VAL A 50 -9.98 10.54 -17.60
N MET A 51 -11.03 10.81 -18.39
CA MET A 51 -11.95 11.90 -18.15
C MET A 51 -13.34 11.36 -18.05
N GLU A 52 -14.21 12.10 -17.37
CA GLU A 52 -15.63 11.82 -17.32
C GLU A 52 -16.19 12.56 -18.57
N GLY A 53 -17.21 12.00 -19.19
CA GLY A 53 -17.79 12.60 -20.37
C GLY A 53 -19.24 12.25 -20.58
N ASN A 54 -19.78 12.73 -21.71
CA ASN A 54 -21.15 12.53 -22.18
C ASN A 54 -21.07 12.04 -23.60
N LEU A 55 -21.87 11.01 -23.90
CA LEU A 55 -21.96 10.46 -25.23
C LEU A 55 -23.38 10.54 -25.67
N LYS A 56 -23.64 11.18 -26.83
CA LYS A 56 -25.00 11.22 -27.41
C LYS A 56 -25.16 9.94 -28.18
N GLN A 57 -26.21 9.19 -27.87
CA GLN A 57 -26.47 7.91 -28.51
C GLN A 57 -27.30 8.09 -29.77
N GLU A 58 -27.49 6.99 -30.56
CA GLU A 58 -28.27 7.01 -31.79
C GLU A 58 -29.75 7.38 -31.52
N ASP A 59 -30.23 7.03 -30.29
CA ASP A 59 -31.60 7.25 -29.84
C ASP A 59 -31.89 8.68 -29.40
N GLY A 60 -30.92 9.58 -29.55
CA GLY A 60 -31.05 10.99 -29.18
C GLY A 60 -30.81 11.34 -27.72
N THR A 61 -30.52 10.33 -26.88
CA THR A 61 -30.25 10.55 -25.45
C THR A 61 -28.77 10.42 -25.15
N SER A 62 -28.27 11.19 -24.17
CA SER A 62 -26.86 11.20 -23.75
C SER A 62 -26.64 10.25 -22.57
N LEU A 63 -25.43 9.73 -22.47
CA LEU A 63 -25.05 8.72 -21.49
C LEU A 63 -23.74 9.11 -20.84
N LYS A 64 -23.64 8.91 -19.50
CA LYS A 64 -22.37 9.22 -18.82
C LYS A 64 -21.34 8.16 -19.15
N VAL A 65 -20.13 8.61 -19.55
CA VAL A 65 -19.05 7.73 -20.00
C VAL A 65 -17.68 8.08 -19.39
N ALA A 66 -16.72 7.13 -19.51
CA ALA A 66 -15.34 7.36 -19.15
C ALA A 66 -14.56 7.37 -20.46
N VAL A 67 -13.73 8.40 -20.66
CA VAL A 67 -12.97 8.54 -21.88
C VAL A 67 -11.48 8.38 -21.57
N LYS A 68 -10.80 7.44 -22.25
CA LYS A 68 -9.40 7.25 -22.01
C LYS A 68 -8.60 7.71 -23.21
N THR A 69 -7.85 8.82 -23.04
CA THR A 69 -7.00 9.38 -24.10
C THR A 69 -5.73 8.58 -24.19
N MET A 70 -5.32 8.28 -25.43
CA MET A 70 -4.16 7.45 -25.72
C MET A 70 -3.17 8.16 -26.64
N LYS A 71 -2.03 7.51 -26.86
CA LYS A 71 -0.96 8.01 -27.71
C LYS A 71 -0.60 6.96 -28.78
N LEU A 72 -0.74 7.33 -30.06
CA LEU A 72 -0.36 6.47 -31.17
C LEU A 72 1.12 6.72 -31.37
N ASP A 73 1.88 5.65 -31.65
CA ASP A 73 3.32 5.72 -31.90
C ASP A 73 3.67 6.72 -33.05
N ASN A 74 2.84 6.76 -34.14
CA ASN A 74 3.03 7.64 -35.30
C ASN A 74 1.70 8.00 -36.00
N SER A 75 1.71 8.97 -36.95
CA SER A 75 0.51 9.40 -37.70
C SER A 75 0.22 8.44 -38.86
N SER A 76 0.54 7.17 -38.62
CA SER A 76 0.47 6.03 -39.53
C SER A 76 -0.90 5.40 -39.67
N GLN A 77 -1.23 4.99 -40.90
CA GLN A 77 -2.45 4.28 -41.24
C GLN A 77 -2.40 2.86 -40.65
N ARG A 78 -1.20 2.23 -40.63
CA ARG A 78 -0.95 0.91 -40.03
C ARG A 78 -1.11 1.02 -38.51
N GLU A 79 -0.69 2.15 -37.93
CA GLU A 79 -0.80 2.44 -36.51
C GLU A 79 -2.29 2.66 -36.14
N ILE A 80 -3.04 3.49 -36.93
CA ILE A 80 -4.46 3.79 -36.69
C ILE A 80 -5.35 2.55 -36.95
N GLU A 81 -5.02 1.72 -37.98
CA GLU A 81 -5.75 0.48 -38.32
C GLU A 81 -5.62 -0.55 -37.21
N GLU A 82 -4.42 -0.64 -36.59
CA GLU A 82 -4.17 -1.56 -35.48
C GLU A 82 -5.00 -1.14 -34.25
N PHE A 83 -5.15 0.17 -34.04
CA PHE A 83 -5.97 0.70 -32.94
C PHE A 83 -7.46 0.32 -33.16
N LEU A 84 -7.97 0.52 -34.39
CA LEU A 84 -9.36 0.21 -34.75
C LEU A 84 -9.68 -1.29 -34.69
N SER A 85 -8.71 -2.16 -35.08
CA SER A 85 -8.85 -3.63 -35.04
C SER A 85 -8.96 -4.14 -33.60
N GLU A 86 -8.22 -3.48 -32.67
CA GLU A 86 -8.22 -3.79 -31.24
C GLU A 86 -9.56 -3.41 -30.63
N ALA A 87 -10.05 -2.22 -31.00
CA ALA A 87 -11.32 -1.69 -30.54
C ALA A 87 -12.50 -2.55 -31.00
N ALA A 88 -12.55 -2.93 -32.29
CA ALA A 88 -13.60 -3.79 -32.85
C ALA A 88 -13.65 -5.19 -32.18
N CYS A 89 -12.48 -5.70 -31.75
CA CYS A 89 -12.32 -6.98 -31.05
C CYS A 89 -12.99 -6.93 -29.66
N MET A 90 -12.69 -5.89 -28.87
CA MET A 90 -13.26 -5.68 -27.57
C MET A 90 -14.74 -5.31 -27.67
N LYS A 91 -15.13 -4.51 -28.69
CA LYS A 91 -16.53 -4.08 -28.89
C LYS A 91 -17.45 -5.29 -29.09
N ASP A 92 -16.94 -6.35 -29.75
CA ASP A 92 -17.68 -7.57 -29.98
C ASP A 92 -17.79 -8.50 -28.76
N PHE A 93 -17.01 -8.24 -27.66
CA PHE A 93 -17.13 -9.02 -26.41
C PHE A 93 -18.49 -8.76 -25.78
N SER A 94 -19.06 -9.79 -25.11
CA SER A 94 -20.34 -9.62 -24.43
C SER A 94 -20.45 -10.48 -23.18
N HIS A 95 -20.28 -9.80 -22.03
CA HIS A 95 -20.37 -10.42 -20.72
C HIS A 95 -20.65 -9.34 -19.66
N PRO A 96 -21.58 -9.64 -18.72
CA PRO A 96 -21.84 -8.67 -17.64
C PRO A 96 -20.65 -8.46 -16.68
N ASN A 97 -19.66 -9.37 -16.67
CA ASN A 97 -18.50 -9.26 -15.77
C ASN A 97 -17.20 -8.82 -16.51
N VAL A 98 -17.40 -8.27 -17.70
CA VAL A 98 -16.35 -7.75 -18.58
C VAL A 98 -16.77 -6.32 -18.96
N ILE A 99 -15.86 -5.36 -18.77
CA ILE A 99 -16.13 -3.97 -19.11
C ILE A 99 -16.40 -3.85 -20.63
N ARG A 100 -17.43 -3.07 -20.99
CA ARG A 100 -17.79 -2.85 -22.39
C ARG A 100 -17.15 -1.61 -22.97
N LEU A 101 -16.77 -1.70 -24.24
CA LEU A 101 -16.24 -0.61 -25.02
C LEU A 101 -17.42 -0.18 -25.90
N LEU A 102 -17.82 1.08 -25.75
CA LEU A 102 -18.92 1.66 -26.51
C LEU A 102 -18.45 2.12 -27.87
N GLY A 103 -17.16 2.32 -28.00
CA GLY A 103 -16.53 2.77 -29.24
C GLY A 103 -15.27 3.59 -29.01
N VAL A 104 -14.78 4.21 -30.08
CA VAL A 104 -13.55 5.00 -30.07
C VAL A 104 -13.68 6.29 -30.87
N CYS A 105 -12.86 7.30 -30.57
CA CYS A 105 -12.81 8.57 -31.30
C CYS A 105 -11.39 8.90 -31.69
N ILE A 106 -11.21 9.58 -32.83
CA ILE A 106 -9.90 10.03 -33.27
C ILE A 106 -9.95 11.54 -33.46
N GLU A 107 -9.42 12.27 -32.46
CA GLU A 107 -9.39 13.74 -32.46
C GLU A 107 -8.17 14.27 -33.25
N ILE A 113 -2.03 16.25 -35.44
CA ILE A 113 -1.69 14.94 -34.86
C ILE A 113 -2.99 14.17 -34.44
N PRO A 114 -3.15 12.87 -34.82
CA PRO A 114 -4.38 12.14 -34.41
C PRO A 114 -4.33 11.67 -32.96
N LYS A 115 -5.38 12.01 -32.19
CA LYS A 115 -5.50 11.64 -30.78
C LYS A 115 -6.56 10.55 -30.57
N PRO A 116 -6.17 9.25 -30.42
CA PRO A 116 -7.19 8.21 -30.22
C PRO A 116 -7.79 8.23 -28.81
N MET A 117 -9.06 7.82 -28.68
CA MET A 117 -9.82 7.82 -27.42
C MET A 117 -10.70 6.60 -27.34
N VAL A 118 -10.82 6.01 -26.14
CA VAL A 118 -11.70 4.84 -25.92
C VAL A 118 -12.87 5.26 -25.00
N ILE A 119 -14.10 4.90 -25.38
CA ILE A 119 -15.32 5.27 -24.64
C ILE A 119 -15.93 4.07 -23.94
N LEU A 120 -16.06 4.14 -22.65
CA LEU A 120 -16.60 3.07 -21.82
C LEU A 120 -17.70 3.60 -20.95
N PRO A 121 -18.71 2.81 -20.55
CA PRO A 121 -19.76 3.36 -19.67
C PRO A 121 -19.18 3.78 -18.33
N PHE A 122 -19.45 4.99 -17.87
CA PHE A 122 -18.90 5.48 -16.61
C PHE A 122 -19.43 4.68 -15.42
N MET A 123 -18.55 4.36 -14.45
CA MET A 123 -18.86 3.66 -13.21
C MET A 123 -18.47 4.49 -12.00
N LYS A 124 -19.50 5.14 -11.39
CA LYS A 124 -19.40 6.05 -10.25
C LYS A 124 -18.70 5.45 -9.04
N TYR A 125 -18.87 4.13 -8.82
CA TYR A 125 -18.24 3.45 -7.68
C TYR A 125 -16.75 3.23 -7.86
N GLY A 126 -16.26 3.38 -9.10
CA GLY A 126 -14.85 3.25 -9.46
C GLY A 126 -14.32 1.84 -9.29
N ASP A 127 -13.02 1.73 -9.01
CA ASP A 127 -12.34 0.45 -8.81
C ASP A 127 -12.65 -0.19 -7.49
N LEU A 128 -12.56 -1.52 -7.48
CA LEU A 128 -12.77 -2.37 -6.32
C LEU A 128 -11.82 -2.09 -5.15
N HIS A 129 -10.53 -1.84 -5.44
CA HIS A 129 -9.52 -1.60 -4.40
C HIS A 129 -9.86 -0.38 -3.51
N THR A 130 -10.10 0.79 -4.12
CA THR A 130 -10.47 1.99 -3.36
C THR A 130 -11.79 1.78 -2.63
N TYR A 131 -12.73 1.05 -3.26
CA TYR A 131 -14.02 0.75 -2.67
C TYR A 131 -13.87 -0.05 -1.38
N LEU A 132 -12.95 -1.05 -1.38
CA LEU A 132 -12.62 -1.88 -0.23
C LEU A 132 -12.07 -1.06 0.93
N LEU A 133 -11.12 -0.12 0.62
CA LEU A 133 -10.50 0.74 1.65
C LEU A 133 -11.51 1.72 2.24
N TYR A 134 -12.39 2.27 1.38
CA TYR A 134 -13.45 3.21 1.79
C TYR A 134 -14.41 2.55 2.77
N SER A 135 -14.72 1.25 2.55
CA SER A 135 -15.62 0.49 3.40
C SER A 135 -15.12 0.36 4.86
N ARG A 136 -13.81 0.52 5.06
CA ARG A 136 -13.16 0.43 6.35
C ARG A 136 -13.28 1.79 7.13
N LEU A 137 -13.91 2.77 6.49
CA LEU A 137 -14.13 4.10 7.03
C LEU A 137 -15.60 4.41 7.09
N GLU A 138 -16.02 5.15 8.11
CA GLU A 138 -17.39 5.66 8.23
C GLU A 138 -17.40 6.79 7.17
N THR A 139 -18.52 7.01 6.47
CA THR A 139 -18.78 7.92 5.32
C THR A 139 -18.57 7.12 4.01
N GLY A 140 -17.75 6.09 4.10
CA GLY A 140 -17.53 5.15 3.01
C GLY A 140 -18.63 4.11 3.07
N PRO A 141 -18.76 3.23 2.03
CA PRO A 141 -19.79 2.17 2.06
C PRO A 141 -19.74 1.32 3.33
N LYS A 142 -20.90 0.84 3.80
CA LYS A 142 -20.97 0.04 5.01
C LYS A 142 -20.06 -1.19 4.97
N HIS A 143 -19.65 -1.69 6.14
CA HIS A 143 -18.81 -2.88 6.26
C HIS A 143 -19.32 -3.97 5.32
N ILE A 144 -18.48 -4.36 4.35
CA ILE A 144 -18.81 -5.38 3.36
C ILE A 144 -18.81 -6.74 4.05
N PRO A 145 -19.95 -7.47 4.14
CA PRO A 145 -19.92 -8.80 4.77
C PRO A 145 -19.21 -9.84 3.87
N LEU A 146 -18.80 -11.00 4.44
CA LEU A 146 -18.08 -12.06 3.70
C LEU A 146 -18.79 -12.50 2.42
N GLN A 147 -20.12 -12.60 2.48
CA GLN A 147 -20.99 -13.00 1.37
C GLN A 147 -20.78 -12.04 0.22
N THR A 148 -20.77 -10.74 0.50
CA THR A 148 -20.54 -9.75 -0.53
C THR A 148 -19.09 -9.84 -1.09
N LEU A 149 -18.09 -10.09 -0.21
CA LEU A 149 -16.69 -10.23 -0.64
C LEU A 149 -16.54 -11.41 -1.61
N LEU A 150 -17.11 -12.58 -1.26
CA LEU A 150 -17.12 -13.79 -2.09
C LEU A 150 -17.84 -13.57 -3.45
N LYS A 151 -18.93 -12.77 -3.43
CA LYS A 151 -19.68 -12.41 -4.62
C LYS A 151 -18.82 -11.50 -5.51
N PHE A 152 -17.90 -10.71 -4.91
CA PHE A 152 -17.00 -9.88 -5.71
C PHE A 152 -16.04 -10.77 -6.48
N MET A 153 -15.53 -11.82 -5.83
CA MET A 153 -14.61 -12.82 -6.39
C MET A 153 -15.29 -13.60 -7.50
N VAL A 154 -16.51 -14.13 -7.22
CA VAL A 154 -17.30 -14.91 -8.19
C VAL A 154 -17.45 -14.14 -9.51
N ASP A 155 -17.82 -12.84 -9.44
CA ASP A 155 -17.95 -11.94 -10.58
C ASP A 155 -16.67 -11.85 -11.44
N ILE A 156 -15.49 -11.72 -10.80
CA ILE A 156 -14.17 -11.63 -11.45
C ILE A 156 -13.84 -12.96 -12.11
N ALA A 157 -14.14 -14.06 -11.41
CA ALA A 157 -13.94 -15.42 -11.89
C ALA A 157 -14.81 -15.65 -13.11
N LEU A 158 -16.07 -15.15 -13.08
CA LEU A 158 -17.02 -15.24 -14.19
C LEU A 158 -16.50 -14.51 -15.42
N GLY A 159 -16.00 -13.28 -15.22
CA GLY A 159 -15.41 -12.46 -16.27
C GLY A 159 -14.16 -13.09 -16.85
N MET A 160 -13.30 -13.67 -15.99
CA MET A 160 -12.05 -14.34 -16.36
C MET A 160 -12.29 -15.67 -17.12
N GLU A 161 -13.36 -16.38 -16.74
CA GLU A 161 -13.82 -17.60 -17.38
C GLU A 161 -14.21 -17.29 -18.84
N TYR A 162 -14.90 -16.17 -19.07
CA TYR A 162 -15.33 -15.70 -20.37
C TYR A 162 -14.12 -15.45 -21.25
N LEU A 163 -13.21 -14.58 -20.79
CA LEU A 163 -12.01 -14.22 -21.53
C LEU A 163 -11.12 -15.40 -21.82
N SER A 164 -10.82 -16.22 -20.81
CA SER A 164 -9.94 -17.38 -21.00
C SER A 164 -10.55 -18.51 -21.80
N ASN A 165 -11.89 -18.55 -21.98
CA ASN A 165 -12.49 -19.58 -22.83
C ASN A 165 -12.28 -19.20 -24.29
N ARG A 166 -12.07 -17.89 -24.54
CA ARG A 166 -11.82 -17.29 -25.85
C ARG A 166 -10.30 -17.18 -26.02
N ASN A 167 -9.56 -17.74 -25.04
CA ASN A 167 -8.09 -17.80 -24.90
C ASN A 167 -7.45 -16.42 -24.83
N PHE A 168 -8.15 -15.46 -24.27
CA PHE A 168 -7.61 -14.12 -24.10
C PHE A 168 -6.78 -14.06 -22.84
N LEU A 169 -5.58 -13.45 -22.93
CA LEU A 169 -4.68 -13.25 -21.79
C LEU A 169 -4.87 -11.85 -21.21
N HIS A 170 -5.20 -11.74 -19.89
CA HIS A 170 -5.42 -10.46 -19.19
C HIS A 170 -4.10 -9.70 -19.02
N ARG A 171 -3.16 -10.25 -18.22
CA ARG A 171 -1.80 -9.69 -17.94
C ARG A 171 -1.78 -8.43 -17.06
N ASP A 172 -2.89 -8.07 -16.41
CA ASP A 172 -2.98 -6.88 -15.51
C ASP A 172 -4.08 -7.09 -14.44
N LEU A 173 -4.28 -8.34 -14.00
CA LEU A 173 -5.31 -8.63 -13.02
C LEU A 173 -4.85 -8.29 -11.61
N ALA A 174 -5.60 -7.37 -10.99
CA ALA A 174 -5.47 -6.89 -9.62
C ALA A 174 -6.79 -6.24 -9.28
N ALA A 175 -7.09 -6.03 -7.98
CA ALA A 175 -8.32 -5.39 -7.49
C ALA A 175 -8.44 -3.96 -7.98
N ARG A 176 -7.30 -3.27 -8.19
CA ARG A 176 -7.27 -1.89 -8.69
C ARG A 176 -7.80 -1.75 -10.10
N ASN A 177 -7.77 -2.85 -10.91
CA ASN A 177 -8.24 -2.93 -12.30
C ASN A 177 -9.58 -3.64 -12.46
N CYS A 178 -10.32 -3.77 -11.35
CA CYS A 178 -11.68 -4.33 -11.37
C CYS A 178 -12.62 -3.19 -11.07
N MET A 179 -13.68 -3.07 -11.85
CA MET A 179 -14.60 -1.94 -11.70
C MET A 179 -15.93 -2.37 -11.18
N LEU A 180 -16.54 -1.52 -10.35
CA LEU A 180 -17.84 -1.80 -9.77
C LEU A 180 -18.95 -1.08 -10.56
N ARG A 181 -19.96 -1.85 -11.01
CA ARG A 181 -21.12 -1.30 -11.72
C ARG A 181 -22.06 -0.71 -10.67
N ASP A 182 -23.06 0.08 -11.09
CA ASP A 182 -24.05 0.68 -10.18
C ASP A 182 -24.84 -0.37 -9.36
N ASP A 183 -25.13 -1.55 -9.99
CA ASP A 183 -25.83 -2.68 -9.35
C ASP A 183 -24.93 -3.48 -8.41
N MET A 184 -23.64 -3.04 -8.26
CA MET A 184 -22.59 -3.60 -7.41
C MET A 184 -21.95 -4.87 -7.99
N THR A 185 -22.27 -5.23 -9.23
CA THR A 185 -21.60 -6.37 -9.84
C THR A 185 -20.17 -5.89 -10.28
N VAL A 186 -19.13 -6.70 -10.02
CA VAL A 186 -17.76 -6.37 -10.43
C VAL A 186 -17.52 -6.78 -11.88
N CYS A 187 -16.74 -6.00 -12.60
CA CYS A 187 -16.37 -6.34 -13.97
C CYS A 187 -14.87 -6.15 -14.17
N VAL A 188 -14.28 -7.01 -15.02
CA VAL A 188 -12.86 -6.99 -15.32
C VAL A 188 -12.56 -5.94 -16.40
N ALA A 189 -11.47 -5.21 -16.21
CA ALA A 189 -11.00 -4.17 -17.09
C ALA A 189 -9.49 -4.29 -17.16
N ASP A 190 -8.89 -3.43 -18.00
CA ASP A 190 -7.45 -3.22 -18.29
C ASP A 190 -6.77 -4.52 -18.77
N PHE A 191 -7.53 -5.34 -19.51
CA PHE A 191 -7.04 -6.62 -20.04
C PHE A 191 -6.44 -6.50 -21.47
N GLY A 192 -5.46 -7.36 -21.77
CA GLY A 192 -4.85 -7.43 -23.09
C GLY A 192 -5.78 -8.15 -24.07
N LEU A 193 -5.48 -8.04 -25.39
CA LEU A 193 -6.31 -8.67 -26.41
C LEU A 193 -5.52 -9.75 -27.19
N SER A 194 -4.40 -10.23 -26.60
CA SER A 194 -3.60 -11.28 -27.18
C SER A 194 -4.00 -12.61 -26.54
N LYS A 195 -3.72 -13.72 -27.26
CA LYS A 195 -4.05 -15.10 -26.88
C LYS A 195 -2.83 -15.93 -26.45
N LYS A 196 -1.62 -15.49 -26.85
CA LYS A 196 -0.35 -16.14 -26.52
C LYS A 196 0.73 -15.08 -26.33
N ILE A 197 1.70 -15.37 -25.42
CA ILE A 197 2.86 -14.52 -25.16
C ILE A 197 4.02 -15.04 -26.03
N TYR A 198 4.57 -14.15 -26.88
CA TYR A 198 5.66 -14.41 -27.83
C TYR A 198 7.06 -14.03 -27.25
N SER A 199 7.95 -15.03 -27.09
CA SER A 199 9.35 -14.99 -26.58
C SER A 199 9.68 -13.86 -25.53
N GLY A 200 10.19 -12.72 -26.01
CA GLY A 200 10.60 -11.58 -25.20
C GLY A 200 11.45 -10.65 -26.03
N ASP A 201 10.78 -9.75 -26.77
CA ASP A 201 11.39 -8.77 -27.66
C ASP A 201 10.35 -7.68 -27.92
N ARG A 207 6.19 -5.23 -19.16
CA ARG A 207 6.35 -5.99 -20.41
C ARG A 207 5.18 -7.01 -20.63
N ILE A 208 5.47 -8.33 -20.42
CA ILE A 208 4.58 -9.49 -20.51
C ILE A 208 3.43 -9.27 -19.49
N ALA A 209 3.73 -9.36 -18.20
CA ALA A 209 2.77 -9.09 -17.13
C ALA A 209 2.88 -7.60 -16.78
N LYS A 210 1.78 -6.87 -16.97
CA LYS A 210 1.71 -5.42 -16.76
C LYS A 210 1.50 -5.00 -15.29
N MET A 211 0.95 -5.90 -14.49
CA MET A 211 0.64 -5.67 -13.08
C MET A 211 1.94 -5.69 -12.22
N PRO A 212 1.94 -5.21 -10.95
CA PRO A 212 3.21 -5.19 -10.18
C PRO A 212 3.67 -6.58 -9.76
N VAL A 213 4.94 -6.65 -9.37
CA VAL A 213 5.66 -7.88 -9.01
C VAL A 213 4.87 -8.82 -8.10
N LYS A 214 4.20 -8.30 -7.10
CA LYS A 214 3.47 -9.07 -6.11
C LYS A 214 2.22 -9.78 -6.66
N TRP A 215 1.80 -9.49 -7.92
CA TRP A 215 0.68 -10.17 -8.62
C TRP A 215 1.20 -11.11 -9.69
N ILE A 216 2.52 -11.07 -10.00
CA ILE A 216 3.17 -11.84 -11.07
C ILE A 216 3.56 -13.29 -10.62
N ALA A 217 3.05 -14.28 -11.38
CA ALA A 217 3.29 -15.70 -11.20
C ALA A 217 4.78 -16.07 -11.15
N ILE A 218 5.13 -17.09 -10.34
CA ILE A 218 6.51 -17.56 -10.19
C ILE A 218 7.19 -17.87 -11.54
N GLU A 219 6.47 -18.51 -12.50
CA GLU A 219 7.03 -18.87 -13.80
C GLU A 219 7.32 -17.66 -14.69
N SER A 220 6.50 -16.60 -14.51
CA SER A 220 6.57 -15.34 -15.24
C SER A 220 7.69 -14.48 -14.68
N LEU A 221 8.02 -14.64 -13.40
CA LEU A 221 9.16 -13.94 -12.80
C LEU A 221 10.43 -14.60 -13.32
N ALA A 222 10.44 -15.94 -13.33
CA ALA A 222 11.54 -16.80 -13.78
C ALA A 222 11.86 -16.73 -15.28
N ASP A 223 10.83 -16.54 -16.11
CA ASP A 223 11.00 -16.50 -17.58
C ASP A 223 10.05 -15.49 -18.18
N ARG A 224 10.31 -15.09 -19.44
CA ARG A 224 9.39 -14.20 -20.14
C ARG A 224 8.35 -15.15 -20.74
N VAL A 225 7.47 -15.67 -19.85
CA VAL A 225 6.41 -16.66 -20.11
C VAL A 225 5.13 -16.20 -19.43
N TYR A 226 3.95 -16.38 -20.10
CA TYR A 226 2.65 -16.01 -19.55
C TYR A 226 1.49 -16.79 -20.19
N THR A 227 0.69 -17.49 -19.34
CA THR A 227 -0.48 -18.29 -19.76
C THR A 227 -1.71 -17.85 -18.95
N SER A 228 -2.89 -18.47 -19.22
CA SER A 228 -4.13 -18.25 -18.45
C SER A 228 -3.92 -18.66 -17.00
N LYS A 229 -3.00 -19.61 -16.77
CA LYS A 229 -2.65 -20.07 -15.43
C LYS A 229 -1.88 -19.01 -14.68
N SER A 230 -1.12 -18.13 -15.39
CA SER A 230 -0.43 -16.99 -14.74
C SER A 230 -1.49 -15.96 -14.34
N ASP A 231 -2.58 -15.85 -15.12
CA ASP A 231 -3.74 -14.98 -14.81
C ASP A 231 -4.43 -15.54 -13.54
N VAL A 232 -4.44 -16.90 -13.36
CA VAL A 232 -5.05 -17.59 -12.22
C VAL A 232 -4.28 -17.22 -10.95
N TRP A 233 -2.94 -17.13 -11.06
CA TRP A 233 -2.09 -16.73 -9.94
C TRP A 233 -2.51 -15.33 -9.47
N ALA A 234 -2.68 -14.36 -10.41
CA ALA A 234 -3.11 -12.98 -10.14
C ALA A 234 -4.51 -13.00 -9.51
N PHE A 235 -5.40 -13.90 -9.97
CA PHE A 235 -6.73 -14.03 -9.41
C PHE A 235 -6.68 -14.36 -7.89
N GLY A 236 -5.81 -15.32 -7.51
CA GLY A 236 -5.57 -15.71 -6.13
C GLY A 236 -5.09 -14.53 -5.30
N VAL A 237 -4.13 -13.76 -5.83
CA VAL A 237 -3.60 -12.54 -5.20
C VAL A 237 -4.74 -11.51 -5.03
N THR A 238 -5.58 -11.32 -6.06
CA THR A 238 -6.75 -10.42 -6.04
C THR A 238 -7.78 -10.88 -4.98
N MET A 239 -8.10 -12.19 -4.90
CA MET A 239 -8.98 -12.81 -3.89
C MET A 239 -8.48 -12.46 -2.49
N TRP A 240 -7.15 -12.51 -2.31
CA TRP A 240 -6.48 -12.18 -1.06
C TRP A 240 -6.66 -10.68 -0.72
N GLU A 241 -6.50 -9.77 -1.73
CA GLU A 241 -6.70 -8.31 -1.52
C GLU A 241 -8.15 -8.04 -1.14
N ILE A 242 -9.08 -8.81 -1.71
CA ILE A 242 -10.50 -8.69 -1.41
C ILE A 242 -10.74 -9.14 0.04
N ALA A 243 -10.32 -10.40 0.39
CA ALA A 243 -10.49 -10.97 1.73
C ALA A 243 -9.85 -10.14 2.88
N THR A 244 -8.80 -9.33 2.57
CA THR A 244 -8.09 -8.49 3.56
C THR A 244 -8.57 -7.07 3.51
N ARG A 245 -9.48 -6.79 2.57
CA ARG A 245 -10.09 -5.50 2.31
C ARG A 245 -9.06 -4.41 1.99
N GLY A 246 -8.26 -4.68 0.96
CA GLY A 246 -7.34 -3.71 0.36
C GLY A 246 -5.92 -3.72 0.84
N MET A 247 -5.54 -4.76 1.58
CA MET A 247 -4.19 -4.89 2.12
C MET A 247 -3.20 -5.18 1.00
N THR A 248 -1.99 -4.59 1.08
CA THR A 248 -0.92 -4.79 0.11
C THR A 248 -0.41 -6.23 0.26
N PRO A 249 -0.33 -7.02 -0.84
CA PRO A 249 0.19 -8.39 -0.71
C PRO A 249 1.57 -8.47 -0.08
N TYR A 250 1.84 -9.60 0.60
CA TYR A 250 3.13 -9.97 1.23
C TYR A 250 3.67 -8.89 2.17
N PRO A 251 2.95 -8.51 3.26
CA PRO A 251 3.52 -7.50 4.18
C PRO A 251 4.87 -7.95 4.76
N GLY A 252 5.84 -7.03 4.82
CA GLY A 252 7.16 -7.36 5.34
C GLY A 252 8.14 -7.97 4.34
N VAL A 253 7.71 -8.12 3.09
CA VAL A 253 8.52 -8.64 1.99
C VAL A 253 8.68 -7.55 0.91
N GLN A 254 9.92 -7.24 0.54
CA GLN A 254 10.28 -6.23 -0.46
C GLN A 254 9.99 -6.73 -1.85
N ASN A 255 9.70 -5.83 -2.80
CA ASN A 255 9.46 -6.18 -4.21
C ASN A 255 10.63 -6.94 -4.81
N HIS A 256 11.87 -6.46 -4.58
CA HIS A 256 13.08 -7.08 -5.09
C HIS A 256 13.35 -8.51 -4.53
N GLU A 257 12.69 -8.90 -3.39
CA GLU A 257 12.95 -10.23 -2.84
C GLU A 257 11.81 -11.19 -3.08
N MET A 258 10.88 -10.84 -3.99
CA MET A 258 9.72 -11.65 -4.31
C MET A 258 10.01 -12.98 -5.01
N TYR A 259 10.87 -12.98 -6.03
CA TYR A 259 11.18 -14.22 -6.74
C TYR A 259 11.85 -15.26 -5.83
N ASP A 260 12.85 -14.85 -5.04
CA ASP A 260 13.51 -15.76 -4.12
C ASP A 260 12.57 -16.16 -2.97
N TYR A 261 11.68 -15.23 -2.52
CA TYR A 261 10.68 -15.52 -1.49
C TYR A 261 9.76 -16.67 -1.94
N LEU A 262 9.22 -16.58 -3.18
CA LEU A 262 8.34 -17.60 -3.74
C LEU A 262 9.10 -18.89 -4.06
N LEU A 263 10.36 -18.75 -4.53
CA LEU A 263 11.21 -19.87 -4.87
C LEU A 263 11.51 -20.81 -3.69
N HIS A 264 11.38 -20.33 -2.45
CA HIS A 264 11.54 -21.11 -1.22
C HIS A 264 10.21 -21.71 -0.75
N GLY A 265 9.19 -21.59 -1.60
CA GLY A 265 7.85 -22.11 -1.34
C GLY A 265 6.98 -21.25 -0.46
N HIS A 266 7.32 -19.95 -0.30
CA HIS A 266 6.52 -19.04 0.52
C HIS A 266 5.40 -18.46 -0.29
N ARG A 267 4.21 -18.39 0.31
CA ARG A 267 2.98 -17.88 -0.30
C ARG A 267 2.31 -16.87 0.61
N LEU A 268 1.33 -16.09 0.11
CA LEU A 268 0.54 -15.14 0.91
C LEU A 268 -0.06 -15.86 2.09
N LYS A 269 -0.02 -15.26 3.29
CA LYS A 269 -0.51 -15.94 4.49
C LYS A 269 -2.00 -15.88 4.56
N GLN A 270 -2.62 -16.81 5.29
CA GLN A 270 -4.07 -16.82 5.45
C GLN A 270 -4.52 -15.59 6.24
N PRO A 271 -5.50 -14.81 5.74
CA PRO A 271 -6.02 -13.67 6.55
C PRO A 271 -6.74 -14.15 7.84
N GLU A 272 -6.75 -13.31 8.88
CA GLU A 272 -7.36 -13.59 10.20
C GLU A 272 -8.86 -13.88 10.06
N ASP A 273 -9.52 -13.07 9.23
CA ASP A 273 -10.95 -13.15 8.91
C ASP A 273 -11.09 -13.82 7.53
N CYS A 274 -10.81 -15.16 7.50
CA CYS A 274 -10.86 -15.93 6.26
C CYS A 274 -11.10 -17.42 6.46
N LEU A 275 -12.21 -17.92 5.87
CA LEU A 275 -12.59 -19.34 5.93
C LEU A 275 -11.49 -20.19 5.35
N ASP A 276 -11.23 -21.35 5.98
CA ASP A 276 -10.23 -22.28 5.51
C ASP A 276 -10.47 -22.72 4.06
N GLU A 277 -11.75 -22.95 3.69
CA GLU A 277 -12.17 -23.37 2.36
C GLU A 277 -11.82 -22.29 1.35
N LEU A 278 -12.00 -21.02 1.72
CA LEU A 278 -11.66 -19.91 0.84
C LEU A 278 -10.16 -19.80 0.72
N TYR A 279 -9.44 -19.99 1.84
CA TYR A 279 -7.99 -19.94 1.76
C TYR A 279 -7.43 -21.04 0.87
N GLU A 280 -8.04 -22.23 0.90
CA GLU A 280 -7.60 -23.36 0.07
C GLU A 280 -7.78 -23.07 -1.41
N ILE A 281 -8.86 -22.34 -1.76
CA ILE A 281 -9.15 -21.94 -3.14
C ILE A 281 -8.06 -20.98 -3.59
N MET A 282 -7.83 -19.88 -2.85
CA MET A 282 -6.79 -18.94 -3.26
C MET A 282 -5.38 -19.57 -3.27
N TYR A 283 -5.03 -20.44 -2.31
CA TYR A 283 -3.72 -21.11 -2.26
C TYR A 283 -3.45 -21.99 -3.50
N SER A 284 -4.50 -22.66 -4.00
CA SER A 284 -4.48 -23.47 -5.22
C SER A 284 -4.09 -22.67 -6.48
N CYS A 285 -4.25 -21.33 -6.45
CA CYS A 285 -3.93 -20.41 -7.54
C CYS A 285 -2.44 -20.21 -7.63
N TRP A 286 -1.70 -20.49 -6.54
CA TRP A 286 -0.27 -20.28 -6.42
C TRP A 286 0.56 -21.56 -6.41
N ARG A 287 0.00 -22.68 -6.90
CA ARG A 287 0.77 -23.94 -6.97
C ARG A 287 1.94 -23.66 -7.93
N THR A 288 3.14 -24.19 -7.63
CA THR A 288 4.33 -23.93 -8.43
C THR A 288 4.11 -24.15 -9.91
N ASP A 289 3.73 -25.38 -10.28
CA ASP A 289 3.49 -25.76 -11.64
C ASP A 289 2.16 -25.15 -12.14
N PRO A 290 2.21 -24.32 -13.21
CA PRO A 290 0.96 -23.73 -13.73
C PRO A 290 -0.09 -24.77 -14.12
N LEU A 291 0.33 -25.94 -14.64
CA LEU A 291 -0.55 -27.04 -15.03
C LEU A 291 -1.42 -27.54 -13.84
N ASP A 292 -0.88 -27.42 -12.60
CA ASP A 292 -1.52 -27.86 -11.36
C ASP A 292 -2.57 -26.91 -10.83
N ARG A 293 -2.54 -25.65 -11.27
CA ARG A 293 -3.49 -24.62 -10.85
C ARG A 293 -4.83 -24.85 -11.51
N PRO A 294 -5.96 -24.51 -10.88
CA PRO A 294 -7.25 -24.76 -11.56
C PRO A 294 -7.55 -23.72 -12.64
N THR A 295 -8.44 -24.07 -13.57
CA THR A 295 -8.87 -23.12 -14.60
C THR A 295 -9.89 -22.20 -13.92
N PHE A 296 -10.16 -21.04 -14.53
CA PHE A 296 -11.14 -20.09 -14.00
C PHE A 296 -12.54 -20.72 -13.84
N SER A 297 -12.93 -21.64 -14.74
CA SER A 297 -14.22 -22.33 -14.67
C SER A 297 -14.31 -23.25 -13.46
N VAL A 298 -13.16 -23.81 -13.05
CA VAL A 298 -13.10 -24.66 -11.88
C VAL A 298 -13.23 -23.80 -10.68
N LEU A 299 -12.45 -22.70 -10.64
CA LEU A 299 -12.45 -21.71 -9.55
C LEU A 299 -13.82 -21.12 -9.33
N ARG A 300 -14.48 -20.70 -10.41
CA ARG A 300 -15.78 -20.06 -10.37
C ARG A 300 -16.77 -21.02 -9.67
N LEU A 301 -16.77 -22.31 -10.05
CA LEU A 301 -17.68 -23.22 -9.41
C LEU A 301 -17.35 -23.42 -7.97
N GLN A 302 -16.05 -23.43 -7.60
CA GLN A 302 -15.60 -23.63 -6.24
C GLN A 302 -16.16 -22.54 -5.36
N LEU A 303 -15.97 -21.29 -5.78
CA LEU A 303 -16.43 -20.06 -5.14
C LEU A 303 -17.93 -19.98 -5.06
N GLU A 304 -18.64 -20.28 -6.16
CA GLU A 304 -20.12 -20.25 -6.19
C GLU A 304 -20.72 -21.21 -5.13
N LYS A 305 -20.14 -22.43 -4.99
CA LYS A 305 -20.53 -23.45 -4.04
C LYS A 305 -20.28 -22.99 -2.61
N LEU A 306 -19.13 -22.33 -2.37
CA LEU A 306 -18.80 -21.79 -1.05
C LEU A 306 -19.83 -20.70 -0.65
N LEU A 307 -20.19 -19.80 -1.59
CA LEU A 307 -21.17 -18.72 -1.40
C LEU A 307 -22.57 -19.30 -1.09
N GLU A 308 -22.94 -20.36 -1.82
CA GLU A 308 -24.20 -21.08 -1.65
C GLU A 308 -24.33 -21.70 -0.26
N SER A 309 -23.22 -22.22 0.31
CA SER A 309 -23.19 -22.84 1.65
C SER A 309 -23.32 -21.85 2.84
N LEU A 310 -22.97 -20.56 2.64
CA LEU A 310 -23.05 -19.55 3.70
C LEU A 310 -24.48 -19.00 3.81
N PRO A 311 -24.88 -18.45 4.99
CA PRO A 311 -26.23 -17.86 5.11
C PRO A 311 -26.42 -16.56 4.32
N LEU B 26 31.91 13.95 23.82
CA LEU B 26 33.07 13.97 22.93
C LEU B 26 33.13 12.66 22.11
N GLU B 27 34.20 11.85 22.24
CA GLU B 27 34.38 10.55 21.56
C GLU B 27 33.98 9.38 22.50
N ASP B 28 33.08 9.65 23.47
CA ASP B 28 32.51 8.69 24.42
C ASP B 28 31.28 8.02 23.77
N VAL B 29 30.90 8.52 22.57
CA VAL B 29 29.83 8.00 21.75
C VAL B 29 30.40 6.94 20.75
N VAL B 30 31.69 7.08 20.34
CA VAL B 30 32.35 6.19 19.38
C VAL B 30 32.72 4.86 19.98
N ILE B 31 32.29 3.78 19.30
CA ILE B 31 32.64 2.41 19.69
C ILE B 31 33.72 1.96 18.73
N ASP B 32 34.74 1.27 19.27
CA ASP B 32 35.83 0.66 18.51
C ASP B 32 35.18 -0.40 17.60
N ARG B 33 35.40 -0.30 16.26
CA ARG B 33 34.86 -1.21 15.24
C ARG B 33 35.17 -2.70 15.53
N ASN B 34 36.32 -2.99 16.18
CA ASN B 34 36.79 -4.32 16.57
C ASN B 34 35.77 -5.04 17.50
N LEU B 35 34.97 -4.26 18.25
CA LEU B 35 33.92 -4.73 19.18
C LEU B 35 32.61 -5.09 18.44
N LEU B 36 32.57 -4.89 17.12
CA LEU B 36 31.37 -5.11 16.33
C LEU B 36 31.52 -6.19 15.29
N ILE B 37 30.50 -7.03 15.17
CA ILE B 37 30.45 -8.05 14.12
C ILE B 37 29.17 -7.75 13.41
N LEU B 38 29.25 -7.59 12.09
CA LEU B 38 28.08 -7.33 11.25
C LEU B 38 27.59 -8.62 10.64
N GLY B 39 26.29 -8.82 10.66
CA GLY B 39 25.65 -10.02 10.11
C GLY B 39 24.79 -9.77 8.89
N LYS B 40 23.63 -10.46 8.83
CA LYS B 40 22.68 -10.40 7.72
C LYS B 40 21.96 -9.06 7.64
N ILE B 41 21.67 -8.63 6.42
CA ILE B 41 20.97 -7.39 6.18
C ILE B 41 19.50 -7.60 6.48
N LEU B 42 18.99 -6.82 7.42
CA LEU B 42 17.60 -6.85 7.82
C LEU B 42 16.70 -5.99 6.91
N GLY B 43 17.27 -5.01 6.22
CA GLY B 43 16.57 -4.12 5.30
C GLY B 43 17.41 -2.97 4.78
N GLU B 44 17.07 -2.45 3.58
CA GLU B 44 17.76 -1.33 2.95
C GLU B 44 16.77 -0.26 2.47
N GLY B 45 17.23 0.98 2.49
CA GLY B 45 16.43 2.13 2.08
C GLY B 45 17.28 3.25 1.53
N GLU B 46 16.74 4.47 1.58
CA GLU B 46 17.41 5.68 1.11
C GLU B 46 18.68 5.95 1.94
N PHE B 47 18.51 6.01 3.29
CA PHE B 47 19.55 6.25 4.30
C PHE B 47 20.71 5.22 4.34
N GLY B 48 20.45 4.04 3.77
CA GLY B 48 21.43 2.96 3.74
C GLY B 48 20.83 1.63 4.13
N SER B 49 21.65 0.78 4.78
CA SER B 49 21.22 -0.56 5.19
C SER B 49 21.16 -0.74 6.68
N VAL B 50 20.31 -1.66 7.12
CA VAL B 50 20.19 -2.07 8.50
C VAL B 50 20.63 -3.54 8.54
N MET B 51 21.59 -3.84 9.40
CA MET B 51 22.08 -5.20 9.60
C MET B 51 21.91 -5.61 11.03
N GLU B 52 21.87 -6.92 11.26
CA GLU B 52 21.83 -7.48 12.59
C GLU B 52 23.32 -7.63 12.94
N GLY B 53 23.67 -7.43 14.20
CA GLY B 53 25.04 -7.54 14.63
C GLY B 53 25.20 -7.93 16.08
N ASN B 54 26.46 -7.98 16.49
CA ASN B 54 26.89 -8.31 17.84
C ASN B 54 27.81 -7.19 18.33
N LEU B 55 27.60 -6.75 19.56
CA LEU B 55 28.41 -5.73 20.18
C LEU B 55 28.99 -6.30 21.43
N LYS B 56 30.33 -6.27 21.57
CA LYS B 56 31.00 -6.72 22.79
C LYS B 56 30.95 -5.55 23.73
N GLN B 57 30.42 -5.78 24.93
CA GLN B 57 30.28 -4.75 25.95
C GLN B 57 31.51 -4.69 26.82
N GLU B 58 31.61 -3.66 27.70
CA GLU B 58 32.73 -3.46 28.60
C GLU B 58 32.88 -4.65 29.60
N ASP B 59 31.73 -5.28 29.93
CA ASP B 59 31.61 -6.40 30.86
C ASP B 59 32.06 -7.74 30.28
N GLY B 60 32.57 -7.75 29.04
CA GLY B 60 33.07 -8.96 28.38
C GLY B 60 32.02 -9.81 27.66
N THR B 61 30.72 -9.40 27.76
CA THR B 61 29.62 -10.13 27.11
C THR B 61 29.16 -9.40 25.87
N SER B 62 28.70 -10.15 24.84
CA SER B 62 28.18 -9.61 23.58
C SER B 62 26.66 -9.46 23.63
N LEU B 63 26.14 -8.49 22.89
CA LEU B 63 24.73 -8.10 22.87
C LEU B 63 24.23 -8.02 21.45
N LYS B 64 22.99 -8.51 21.19
CA LYS B 64 22.44 -8.40 19.84
C LYS B 64 22.01 -6.97 19.56
N VAL B 65 22.44 -6.45 18.40
CA VAL B 65 22.20 -5.06 18.00
C VAL B 65 21.74 -4.91 16.55
N ALA B 66 21.25 -3.71 16.23
CA ALA B 66 20.88 -3.35 14.87
C ALA B 66 21.88 -2.25 14.46
N VAL B 67 22.50 -2.42 13.31
CA VAL B 67 23.52 -1.48 12.84
C VAL B 67 22.98 -0.77 11.60
N LYS B 68 22.94 0.56 11.62
CA LYS B 68 22.44 1.29 10.46
C LYS B 68 23.58 2.02 9.79
N THR B 69 23.93 1.59 8.57
CA THR B 69 24.96 2.20 7.75
C THR B 69 24.43 3.47 7.12
N MET B 70 25.26 4.51 7.16
CA MET B 70 24.92 5.82 6.66
C MET B 70 25.92 6.34 5.64
N LYS B 71 25.59 7.49 5.05
CA LYS B 71 26.40 8.19 4.06
C LYS B 71 26.67 9.64 4.51
N LEU B 72 27.95 9.99 4.66
CA LEU B 72 28.36 11.33 5.07
C LEU B 72 28.20 12.31 3.90
N SER B 76 34.74 15.05 5.13
CA SER B 76 34.99 16.27 5.90
C SER B 76 34.98 16.05 7.41
N GLN B 77 35.89 16.76 8.11
CA GLN B 77 36.00 16.75 9.56
C GLN B 77 34.79 17.46 10.17
N ARG B 78 34.28 18.54 9.50
CA ARG B 78 33.09 19.30 9.90
C ARG B 78 31.86 18.41 9.74
N GLU B 79 31.87 17.57 8.68
CA GLU B 79 30.81 16.60 8.39
C GLU B 79 30.79 15.48 9.43
N ILE B 80 31.98 14.90 9.75
CA ILE B 80 32.13 13.80 10.73
C ILE B 80 31.86 14.30 12.17
N GLU B 81 32.28 15.55 12.51
CA GLU B 81 32.07 16.17 13.83
C GLU B 81 30.59 16.41 14.08
N GLU B 82 29.85 16.82 13.03
CA GLU B 82 28.41 17.04 13.12
C GLU B 82 27.67 15.73 13.35
N PHE B 83 28.15 14.62 12.75
CA PHE B 83 27.59 13.28 12.97
C PHE B 83 27.78 12.85 14.43
N LEU B 84 29.00 13.04 14.99
CA LEU B 84 29.33 12.70 16.38
C LEU B 84 28.55 13.52 17.40
N SER B 85 28.34 14.84 17.14
CA SER B 85 27.60 15.74 18.01
C SER B 85 26.12 15.35 18.11
N GLU B 86 25.55 14.86 16.99
CA GLU B 86 24.16 14.39 16.88
C GLU B 86 24.01 13.11 17.70
N ALA B 87 24.98 12.19 17.53
CA ALA B 87 25.01 10.90 18.21
C ALA B 87 25.10 11.07 19.73
N ALA B 88 26.03 11.94 20.23
CA ALA B 88 26.22 12.23 21.66
C ALA B 88 24.95 12.80 22.32
N CYS B 89 24.18 13.59 21.55
CA CYS B 89 22.93 14.21 21.95
C CYS B 89 21.85 13.16 22.22
N MET B 90 21.66 12.23 21.27
CA MET B 90 20.71 11.12 21.37
C MET B 90 21.16 10.11 22.41
N LYS B 91 22.49 9.84 22.51
CA LYS B 91 23.04 8.87 23.47
C LYS B 91 22.71 9.26 24.91
N ASP B 92 22.66 10.59 25.18
CA ASP B 92 22.35 11.12 26.50
C ASP B 92 20.85 11.07 26.85
N PHE B 93 19.97 10.82 25.87
CA PHE B 93 18.52 10.68 26.12
C PHE B 93 18.24 9.43 26.93
N SER B 94 17.22 9.48 27.82
CA SER B 94 16.85 8.32 28.63
C SER B 94 15.34 8.26 28.94
N HIS B 95 14.66 7.33 28.26
CA HIS B 95 13.24 7.11 28.40
C HIS B 95 12.90 5.71 27.85
N PRO B 96 12.00 4.98 28.55
CA PRO B 96 11.59 3.66 28.05
C PRO B 96 10.82 3.70 26.72
N ASN B 97 10.26 4.88 26.33
CA ASN B 97 9.49 5.00 25.09
C ASN B 97 10.27 5.73 23.98
N VAL B 98 11.59 5.79 24.14
CA VAL B 98 12.54 6.41 23.21
C VAL B 98 13.64 5.37 22.96
N ILE B 99 13.91 5.11 21.69
CA ILE B 99 14.94 4.13 21.31
C ILE B 99 16.29 4.62 21.79
N ARG B 100 17.11 3.69 22.33
CA ARG B 100 18.47 4.04 22.78
C ARG B 100 19.50 3.84 21.68
N LEU B 101 20.44 4.77 21.60
CA LEU B 101 21.58 4.72 20.71
C LEU B 101 22.68 4.27 21.62
N LEU B 102 23.29 3.11 21.31
CA LEU B 102 24.34 2.51 22.12
C LEU B 102 25.68 3.15 21.75
N GLY B 103 25.73 3.78 20.58
CA GLY B 103 26.92 4.45 20.07
C GLY B 103 27.01 4.44 18.56
N VAL B 104 28.19 4.81 18.04
CA VAL B 104 28.46 4.91 16.61
C VAL B 104 29.84 4.36 16.24
N CYS B 105 30.02 3.91 14.99
CA CYS B 105 31.30 3.42 14.48
C CYS B 105 31.63 4.12 13.17
N ILE B 106 32.91 4.33 12.91
CA ILE B 106 33.35 4.94 11.65
C ILE B 106 34.32 3.98 10.99
N GLU B 107 33.81 3.23 9.98
CA GLU B 107 34.60 2.25 9.23
C GLU B 107 35.37 2.91 8.09
N MET B 108 36.30 2.19 7.46
CA MET B 108 37.03 2.75 6.33
C MET B 108 36.99 1.85 5.11
N SER B 109 36.77 2.44 3.93
CA SER B 109 36.83 1.68 2.70
C SER B 109 38.33 1.40 2.36
N SER B 110 38.61 0.52 1.40
CA SER B 110 39.96 0.17 0.95
C SER B 110 40.65 1.39 0.28
N GLN B 111 39.83 2.30 -0.29
CA GLN B 111 40.21 3.57 -0.94
C GLN B 111 40.39 4.67 0.12
N GLY B 112 39.92 4.41 1.34
CA GLY B 112 40.08 5.28 2.49
C GLY B 112 38.94 6.22 2.82
N ILE B 113 37.71 5.86 2.47
CA ILE B 113 36.55 6.70 2.73
C ILE B 113 35.84 6.31 4.08
N PRO B 114 35.50 7.30 4.96
CA PRO B 114 34.84 6.95 6.24
C PRO B 114 33.37 6.59 6.10
N LYS B 115 32.99 5.42 6.64
CA LYS B 115 31.63 4.89 6.62
C LYS B 115 30.99 4.96 8.04
N PRO B 116 30.12 5.97 8.32
CA PRO B 116 29.51 6.06 9.67
C PRO B 116 28.42 4.99 9.88
N MET B 117 28.26 4.54 11.13
CA MET B 117 27.31 3.50 11.53
C MET B 117 26.70 3.83 12.87
N VAL B 118 25.39 3.56 13.06
CA VAL B 118 24.71 3.79 14.34
C VAL B 118 24.31 2.43 14.95
N ILE B 119 24.57 2.23 16.24
CA ILE B 119 24.29 0.97 16.94
C ILE B 119 23.12 1.13 17.91
N LEU B 120 22.12 0.30 17.73
CA LEU B 120 20.92 0.34 18.56
C LEU B 120 20.60 -1.05 19.05
N PRO B 121 19.94 -1.23 20.21
CA PRO B 121 19.65 -2.59 20.67
C PRO B 121 18.68 -3.26 19.70
N PHE B 122 18.98 -4.48 19.28
CA PHE B 122 18.13 -5.19 18.34
C PHE B 122 16.74 -5.49 18.94
N MET B 123 15.67 -5.24 18.13
CA MET B 123 14.27 -5.50 18.48
C MET B 123 13.66 -6.46 17.49
N LYS B 124 13.53 -7.74 17.92
CA LYS B 124 13.02 -8.86 17.13
C LYS B 124 11.64 -8.62 16.55
N TYR B 125 10.76 -7.91 17.28
CA TYR B 125 9.40 -7.63 16.82
C TYR B 125 9.35 -6.57 15.71
N GLY B 126 10.45 -5.84 15.52
CA GLY B 126 10.58 -4.82 14.49
C GLY B 126 9.67 -3.63 14.69
N ASP B 127 9.30 -2.97 13.58
CA ASP B 127 8.44 -1.79 13.57
C ASP B 127 6.99 -2.13 13.81
N LEU B 128 6.28 -1.15 14.37
CA LEU B 128 4.85 -1.21 14.66
C LEU B 128 3.97 -1.42 13.41
N HIS B 129 4.30 -0.77 12.29
CA HIS B 129 3.51 -0.89 11.05
C HIS B 129 3.43 -2.31 10.50
N THR B 130 4.56 -2.99 10.31
CA THR B 130 4.56 -4.39 9.85
C THR B 130 3.89 -5.29 10.89
N TYR B 131 4.06 -4.99 12.19
CA TYR B 131 3.47 -5.76 13.26
C TYR B 131 1.98 -5.71 13.20
N LEU B 132 1.40 -4.53 12.89
CA LEU B 132 -0.03 -4.29 12.72
C LEU B 132 -0.59 -5.09 11.57
N LEU B 133 0.11 -5.07 10.40
CA LEU B 133 -0.31 -5.83 9.20
C LEU B 133 -0.26 -7.35 9.43
N TYR B 134 0.80 -7.82 10.12
CA TYR B 134 0.98 -9.25 10.47
C TYR B 134 -0.16 -9.73 11.34
N SER B 135 -0.64 -8.89 12.27
CA SER B 135 -1.75 -9.22 13.17
C SER B 135 -3.07 -9.51 12.43
N ARG B 136 -3.20 -9.02 11.21
CA ARG B 136 -4.36 -9.20 10.34
C ARG B 136 -4.31 -10.55 9.59
N LEU B 137 -3.23 -11.31 9.83
CA LEU B 137 -2.98 -12.62 9.25
C LEU B 137 -2.87 -13.66 10.33
N GLU B 138 -3.35 -14.87 10.04
CA GLU B 138 -3.14 -16.04 10.91
C GLU B 138 -1.65 -16.35 10.67
N THR B 139 -0.91 -16.80 11.71
CA THR B 139 0.56 -17.06 11.78
C THR B 139 1.27 -15.80 12.31
N GLY B 140 0.62 -14.65 12.09
CA GLY B 140 1.06 -13.38 12.62
C GLY B 140 0.50 -13.26 14.03
N PRO B 141 0.97 -12.24 14.84
CA PRO B 141 0.43 -12.06 16.20
C PRO B 141 -1.10 -12.02 16.24
N LYS B 142 -1.71 -12.54 17.31
CA LYS B 142 -3.17 -12.57 17.41
C LYS B 142 -3.80 -11.18 17.27
N HIS B 143 -5.08 -11.15 16.86
CA HIS B 143 -5.83 -9.91 16.70
C HIS B 143 -5.57 -8.99 17.90
N ILE B 144 -4.99 -7.83 17.63
CA ILE B 144 -4.67 -6.85 18.66
C ILE B 144 -5.98 -6.20 19.12
N PRO B 145 -6.39 -6.36 20.41
CA PRO B 145 -7.63 -5.70 20.86
C PRO B 145 -7.44 -4.18 21.00
N LEU B 146 -8.54 -3.41 21.08
CA LEU B 146 -8.51 -1.93 21.17
C LEU B 146 -7.63 -1.42 22.30
N GLN B 147 -7.69 -2.09 23.46
CA GLN B 147 -6.92 -1.78 24.65
C GLN B 147 -5.44 -1.81 24.32
N THR B 148 -4.99 -2.83 23.62
CA THR B 148 -3.58 -2.93 23.21
C THR B 148 -3.23 -1.83 22.19
N LEU B 149 -4.14 -1.52 21.24
CA LEU B 149 -3.91 -0.46 20.24
C LEU B 149 -3.74 0.90 20.93
N LEU B 150 -4.62 1.24 21.86
CA LEU B 150 -4.57 2.47 22.67
C LEU B 150 -3.28 2.55 23.53
N LYS B 151 -2.82 1.41 24.06
CA LYS B 151 -1.59 1.32 24.83
C LYS B 151 -0.38 1.55 23.90
N PHE B 152 -0.51 1.21 22.60
CA PHE B 152 0.57 1.50 21.64
C PHE B 152 0.71 2.99 21.46
N MET B 153 -0.44 3.71 21.34
CA MET B 153 -0.55 5.16 21.19
C MET B 153 0.00 5.86 22.44
N VAL B 154 -0.47 5.45 23.64
CA VAL B 154 -0.01 6.00 24.92
C VAL B 154 1.52 5.99 25.03
N ASP B 155 2.18 4.86 24.69
CA ASP B 155 3.63 4.69 24.66
C ASP B 155 4.32 5.73 23.76
N ILE B 156 3.80 5.96 22.54
CA ILE B 156 4.33 6.92 21.55
C ILE B 156 4.17 8.34 22.08
N ALA B 157 3.01 8.61 22.68
CA ALA B 157 2.69 9.91 23.26
C ALA B 157 3.64 10.16 24.44
N LEU B 158 3.95 9.13 25.24
CA LEU B 158 4.88 9.21 26.37
C LEU B 158 6.30 9.56 25.88
N GLY B 159 6.74 8.87 24.82
CA GLY B 159 8.03 9.09 24.16
C GLY B 159 8.13 10.47 23.55
N MET B 160 7.04 10.94 22.89
CA MET B 160 6.93 12.27 22.27
C MET B 160 6.90 13.41 23.29
N GLU B 161 6.25 13.17 24.44
CA GLU B 161 6.17 14.09 25.56
C GLU B 161 7.60 14.36 26.10
N TYR B 162 8.41 13.29 26.21
CA TYR B 162 9.81 13.34 26.65
C TYR B 162 10.61 14.21 25.71
N LEU B 163 10.64 13.86 24.42
CA LEU B 163 11.40 14.58 23.39
C LEU B 163 11.00 16.03 23.28
N SER B 164 9.69 16.31 23.17
CA SER B 164 9.24 17.68 23.03
C SER B 164 9.38 18.54 24.30
N ASN B 165 9.56 17.92 25.48
CA ASN B 165 9.77 18.74 26.69
C ASN B 165 11.20 19.24 26.69
N ARG B 166 12.08 18.53 25.97
CA ARG B 166 13.51 18.82 25.76
C ARG B 166 13.67 19.61 24.48
N ASN B 167 12.52 19.97 23.87
CA ASN B 167 12.34 20.71 22.62
C ASN B 167 12.99 20.03 21.41
N PHE B 168 12.98 18.71 21.41
CA PHE B 168 13.51 17.98 20.29
C PHE B 168 12.42 17.83 19.23
N LEU B 169 12.77 18.09 17.97
CA LEU B 169 11.84 17.96 16.84
C LEU B 169 12.09 16.62 16.14
N HIS B 170 11.05 15.76 16.07
CA HIS B 170 11.11 14.43 15.43
C HIS B 170 11.27 14.54 13.90
N ARG B 171 10.25 15.08 13.20
CA ARG B 171 10.21 15.29 11.74
C ARG B 171 10.08 14.00 10.88
N ASP B 172 9.79 12.84 11.49
CA ASP B 172 9.64 11.55 10.75
C ASP B 172 8.71 10.62 11.54
N LEU B 173 7.71 11.17 12.21
CA LEU B 173 6.83 10.34 13.02
C LEU B 173 5.77 9.68 12.17
N ALA B 174 5.78 8.34 12.22
CA ALA B 174 4.88 7.42 11.52
C ALA B 174 5.00 6.10 12.24
N ALA B 175 4.03 5.19 12.04
CA ALA B 175 4.03 3.87 12.66
C ALA B 175 5.22 3.01 12.20
N ARG B 176 5.71 3.25 10.95
CA ARG B 176 6.86 2.52 10.37
C ARG B 176 8.15 2.79 11.14
N ASN B 177 8.24 3.96 11.82
CA ASN B 177 9.37 4.43 12.59
C ASN B 177 9.19 4.26 14.10
N CYS B 178 8.25 3.43 14.53
CA CYS B 178 8.02 3.11 15.93
C CYS B 178 8.42 1.67 16.11
N MET B 179 9.21 1.37 17.13
CA MET B 179 9.73 0.02 17.34
C MET B 179 9.14 -0.65 18.53
N LEU B 180 8.92 -1.96 18.43
CA LEU B 180 8.36 -2.75 19.52
C LEU B 180 9.47 -3.47 20.29
N ARG B 181 9.49 -3.27 21.61
CA ARG B 181 10.47 -3.93 22.50
C ARG B 181 9.94 -5.34 22.77
N ASP B 182 10.77 -6.22 23.35
CA ASP B 182 10.37 -7.60 23.65
C ASP B 182 9.18 -7.68 24.61
N ASP B 183 9.07 -6.71 25.56
CA ASP B 183 7.96 -6.60 26.53
C ASP B 183 6.67 -5.99 25.91
N MET B 184 6.72 -5.70 24.59
CA MET B 184 5.65 -5.14 23.77
C MET B 184 5.44 -3.64 23.96
N THR B 185 6.32 -2.96 24.73
CA THR B 185 6.19 -1.52 24.86
C THR B 185 6.74 -0.87 23.55
N VAL B 186 6.02 0.13 22.99
CA VAL B 186 6.47 0.81 21.80
C VAL B 186 7.46 1.93 22.15
N CYS B 187 8.45 2.13 21.29
CA CYS B 187 9.40 3.22 21.47
C CYS B 187 9.57 4.00 20.17
N VAL B 188 9.79 5.31 20.28
CA VAL B 188 9.97 6.21 19.13
C VAL B 188 11.43 6.16 18.61
N ALA B 189 11.59 6.14 17.29
CA ALA B 189 12.88 6.07 16.59
C ALA B 189 12.83 6.95 15.38
N ASP B 190 13.92 7.01 14.60
CA ASP B 190 13.95 7.60 13.26
C ASP B 190 14.26 6.43 12.32
N PHE B 191 14.61 6.69 11.07
CA PHE B 191 15.05 5.67 10.10
C PHE B 191 15.84 6.30 9.01
N PRO B 212 7.38 11.97 3.33
CA PRO B 212 6.14 11.27 3.72
C PRO B 212 4.99 12.27 3.80
N VAL B 213 4.59 12.84 2.65
CA VAL B 213 3.58 13.90 2.50
C VAL B 213 2.33 13.68 3.36
N LYS B 214 1.82 12.46 3.40
CA LYS B 214 0.56 12.14 4.10
C LYS B 214 0.67 12.24 5.64
N TRP B 215 1.90 12.40 6.21
CA TRP B 215 2.13 12.60 7.64
C TRP B 215 2.50 14.04 7.95
N ILE B 216 2.73 14.88 6.90
CA ILE B 216 3.20 16.27 7.03
C ILE B 216 2.04 17.28 7.26
N ALA B 217 2.15 18.07 8.34
CA ALA B 217 1.23 19.10 8.77
C ALA B 217 0.94 20.14 7.69
N ILE B 218 -0.30 20.66 7.64
CA ILE B 218 -0.73 21.65 6.65
C ILE B 218 0.22 22.87 6.58
N GLU B 219 0.69 23.39 7.74
CA GLU B 219 1.57 24.57 7.78
C GLU B 219 2.95 24.28 7.20
N SER B 220 3.41 23.02 7.36
CA SER B 220 4.70 22.53 6.88
C SER B 220 4.66 22.26 5.40
N LEU B 221 3.49 21.93 4.86
CA LEU B 221 3.33 21.75 3.42
C LEU B 221 3.36 23.13 2.79
N ALA B 222 2.64 24.09 3.41
CA ALA B 222 2.50 25.48 2.97
C ALA B 222 3.77 26.31 3.06
N ASP B 223 4.63 26.05 4.07
CA ASP B 223 5.85 26.81 4.30
C ASP B 223 6.95 25.92 4.78
N ARG B 224 8.19 26.41 4.72
CA ARG B 224 9.33 25.67 5.26
C ARG B 224 9.32 26.05 6.77
N VAL B 225 8.35 25.46 7.51
CA VAL B 225 8.07 25.69 8.91
C VAL B 225 7.81 24.33 9.58
N TYR B 226 8.32 24.12 10.83
CA TYR B 226 8.12 22.88 11.58
C TYR B 226 8.31 23.07 13.09
N THR B 227 7.26 22.75 13.88
CA THR B 227 7.25 22.85 15.36
C THR B 227 6.85 21.49 15.97
N SER B 228 6.78 21.42 17.31
CA SER B 228 6.32 20.23 18.04
C SER B 228 4.85 19.97 17.72
N LYS B 229 4.12 21.02 17.35
CA LYS B 229 2.71 20.91 16.93
C LYS B 229 2.60 20.22 15.58
N SER B 230 3.63 20.36 14.70
CA SER B 230 3.65 19.65 13.41
C SER B 230 3.91 18.17 13.70
N ASP B 231 4.69 17.86 14.76
CA ASP B 231 4.93 16.49 15.25
C ASP B 231 3.60 15.90 15.79
N VAL B 232 2.73 16.77 16.39
CA VAL B 232 1.41 16.40 16.93
C VAL B 232 0.52 15.95 15.76
N TRP B 233 0.60 16.65 14.63
CA TRP B 233 -0.16 16.32 13.44
C TRP B 233 0.19 14.88 12.99
N ALA B 234 1.50 14.56 12.93
CA ALA B 234 2.01 13.23 12.57
C ALA B 234 1.54 12.20 13.58
N PHE B 235 1.48 12.57 14.89
CA PHE B 235 0.99 11.67 15.91
C PHE B 235 -0.48 11.23 15.63
N GLY B 236 -1.34 12.20 15.27
CA GLY B 236 -2.72 11.94 14.88
C GLY B 236 -2.80 10.98 13.69
N VAL B 237 -1.98 11.21 12.66
CA VAL B 237 -1.88 10.35 11.48
C VAL B 237 -1.44 8.93 11.90
N THR B 238 -0.42 8.82 12.79
CA THR B 238 0.07 7.55 13.35
C THR B 238 -1.01 6.82 14.16
N MET B 239 -1.78 7.53 15.02
CA MET B 239 -2.92 7.02 15.79
C MET B 239 -3.94 6.38 14.83
N TRP B 240 -4.17 7.05 13.66
CA TRP B 240 -5.07 6.59 12.63
C TRP B 240 -4.56 5.30 11.99
N GLU B 241 -3.22 5.21 11.68
CA GLU B 241 -2.60 3.99 11.11
C GLU B 241 -2.73 2.85 12.11
N ILE B 242 -2.62 3.14 13.43
CA ILE B 242 -2.77 2.17 14.48
C ILE B 242 -4.20 1.67 14.53
N ALA B 243 -5.19 2.59 14.66
CA ALA B 243 -6.61 2.28 14.72
C ALA B 243 -7.17 1.54 13.48
N THR B 244 -6.53 1.68 12.29
CA THR B 244 -6.93 1.03 11.03
C THR B 244 -6.11 -0.22 10.77
N ARG B 245 -5.14 -0.47 11.66
CA ARG B 245 -4.20 -1.57 11.64
C ARG B 245 -3.39 -1.62 10.35
N GLY B 246 -2.68 -0.53 10.07
CA GLY B 246 -1.70 -0.44 8.98
C GLY B 246 -2.16 0.10 7.65
N MET B 247 -3.35 0.68 7.63
CA MET B 247 -3.93 1.24 6.40
C MET B 247 -3.15 2.51 6.01
N THR B 248 -2.93 2.68 4.69
CA THR B 248 -2.25 3.84 4.15
C THR B 248 -3.16 5.07 4.35
N PRO B 249 -2.65 6.17 4.93
CA PRO B 249 -3.52 7.36 5.11
C PRO B 249 -4.12 7.86 3.82
N TYR B 250 -5.32 8.46 3.92
CA TYR B 250 -6.08 9.10 2.84
C TYR B 250 -6.30 8.21 1.63
N PRO B 251 -6.99 7.05 1.77
CA PRO B 251 -7.23 6.20 0.58
C PRO B 251 -8.01 6.95 -0.51
N GLY B 252 -7.60 6.80 -1.77
CA GLY B 252 -8.24 7.48 -2.89
C GLY B 252 -7.73 8.87 -3.17
N VAL B 253 -6.77 9.37 -2.38
CA VAL B 253 -6.16 10.69 -2.53
C VAL B 253 -4.68 10.53 -2.88
N GLN B 254 -4.24 11.19 -3.97
CA GLN B 254 -2.86 11.15 -4.48
C GLN B 254 -1.97 12.02 -3.63
N ASN B 255 -0.66 11.68 -3.55
CA ASN B 255 0.33 12.46 -2.79
C ASN B 255 0.36 13.93 -3.26
N HIS B 256 0.38 14.16 -4.59
CA HIS B 256 0.39 15.50 -5.17
C HIS B 256 -0.86 16.34 -4.89
N GLU B 257 -1.98 15.73 -4.46
CA GLU B 257 -3.18 16.51 -4.18
C GLU B 257 -3.46 16.67 -2.70
N MET B 258 -2.47 16.34 -1.83
CA MET B 258 -2.59 16.42 -0.38
C MET B 258 -2.73 17.82 0.19
N TYR B 259 -1.90 18.77 -0.25
CA TYR B 259 -1.98 20.15 0.26
C TYR B 259 -3.34 20.78 -0.04
N ASP B 260 -3.81 20.68 -1.30
CA ASP B 260 -5.10 21.24 -1.69
C ASP B 260 -6.26 20.48 -1.05
N TYR B 261 -6.10 19.14 -0.84
CA TYR B 261 -7.09 18.31 -0.14
C TYR B 261 -7.31 18.82 1.30
N LEU B 262 -6.20 19.06 2.05
CA LEU B 262 -6.24 19.57 3.43
C LEU B 262 -6.69 21.02 3.46
N LEU B 263 -6.27 21.82 2.45
CA LEU B 263 -6.63 23.23 2.34
C LEU B 263 -8.12 23.49 2.21
N HIS B 264 -8.90 22.48 1.77
CA HIS B 264 -10.36 22.55 1.67
C HIS B 264 -11.04 22.03 2.96
N GLY B 265 -10.23 21.81 3.99
CA GLY B 265 -10.69 21.34 5.29
C GLY B 265 -10.93 19.86 5.39
N HIS B 266 -10.39 19.05 4.46
CA HIS B 266 -10.54 17.60 4.49
C HIS B 266 -9.49 16.98 5.38
N ARG B 267 -9.90 16.02 6.18
CA ARG B 267 -9.08 15.30 7.16
C ARG B 267 -9.29 13.79 7.00
N LEU B 268 -8.42 12.97 7.58
CA LEU B 268 -8.56 11.51 7.58
C LEU B 268 -9.92 11.15 8.14
N LYS B 269 -10.62 10.20 7.49
CA LYS B 269 -11.98 9.85 7.91
C LYS B 269 -11.94 8.95 9.12
N GLN B 270 -13.03 8.93 9.89
CA GLN B 270 -13.12 8.09 11.06
C GLN B 270 -13.11 6.61 10.67
N PRO B 271 -12.24 5.78 11.25
CA PRO B 271 -12.29 4.33 10.92
C PRO B 271 -13.60 3.67 11.42
N GLU B 272 -14.04 2.61 10.75
CA GLU B 272 -15.27 1.84 11.04
C GLU B 272 -15.24 1.30 12.49
N ASP B 273 -14.06 0.75 12.87
CA ASP B 273 -13.77 0.15 14.17
C ASP B 273 -13.00 1.21 15.00
N CYS B 274 -13.72 2.30 15.41
CA CYS B 274 -13.08 3.40 16.16
C CYS B 274 -14.05 4.20 17.02
N LEU B 275 -13.77 4.22 18.35
CA LEU B 275 -14.57 4.98 19.33
C LEU B 275 -14.58 6.44 18.95
N ASP B 276 -15.74 7.09 19.09
CA ASP B 276 -15.88 8.53 18.82
C ASP B 276 -14.88 9.37 19.62
N GLU B 277 -14.66 9.00 20.91
CA GLU B 277 -13.73 9.70 21.81
C GLU B 277 -12.30 9.61 21.26
N LEU B 278 -11.93 8.45 20.72
CA LEU B 278 -10.62 8.26 20.14
C LEU B 278 -10.51 9.06 18.84
N TYR B 279 -11.57 9.04 18.04
CA TYR B 279 -11.54 9.84 16.83
C TYR B 279 -11.40 11.34 17.12
N GLU B 280 -12.04 11.83 18.20
CA GLU B 280 -11.96 13.24 18.58
C GLU B 280 -10.55 13.64 18.99
N ILE B 281 -9.81 12.71 19.64
CA ILE B 281 -8.43 12.91 20.05
C ILE B 281 -7.57 13.04 18.81
N MET B 282 -7.62 12.06 17.90
CA MET B 282 -6.82 12.15 16.68
C MET B 282 -7.19 13.36 15.80
N TYR B 283 -8.48 13.70 15.67
CA TYR B 283 -8.92 14.86 14.87
C TYR B 283 -8.35 16.20 15.40
N SER B 284 -8.26 16.35 16.72
CA SER B 284 -7.67 17.50 17.42
C SER B 284 -6.18 17.75 17.05
N CYS B 285 -5.49 16.71 16.53
CA CYS B 285 -4.10 16.76 16.10
C CYS B 285 -3.96 17.46 14.77
N TRP B 286 -5.06 17.54 14.01
CA TRP B 286 -5.11 18.11 12.67
C TRP B 286 -5.83 19.45 12.58
N ARG B 287 -6.01 20.17 13.71
CA ARG B 287 -6.64 21.49 13.67
C ARG B 287 -5.74 22.38 12.82
N THR B 288 -6.30 23.25 11.98
CA THR B 288 -5.54 24.10 11.08
C THR B 288 -4.42 24.85 11.78
N ASP B 289 -4.76 25.66 12.78
CA ASP B 289 -3.80 26.45 13.53
C ASP B 289 -3.00 25.54 14.48
N PRO B 290 -1.66 25.50 14.33
CA PRO B 290 -0.85 24.64 15.22
C PRO B 290 -1.02 24.98 16.70
N LEU B 291 -1.24 26.26 17.03
CA LEU B 291 -1.47 26.73 18.41
C LEU B 291 -2.71 26.06 19.06
N ASP B 292 -3.71 25.68 18.22
CA ASP B 292 -4.96 25.05 18.65
C ASP B 292 -4.85 23.57 18.94
N ARG B 293 -3.80 22.92 18.42
CA ARG B 293 -3.55 21.48 18.60
C ARG B 293 -3.08 21.22 20.02
N PRO B 294 -3.40 20.07 20.64
CA PRO B 294 -2.91 19.86 22.03
C PRO B 294 -1.44 19.48 22.07
N THR B 295 -0.80 19.68 23.21
CA THR B 295 0.60 19.27 23.39
C THR B 295 0.57 17.77 23.63
N PHE B 296 1.73 17.11 23.46
CA PHE B 296 1.84 15.66 23.68
C PHE B 296 1.44 15.25 25.09
N SER B 297 1.70 16.09 26.09
CA SER B 297 1.35 15.85 27.50
C SER B 297 -0.16 15.86 27.69
N VAL B 298 -0.87 16.70 26.91
CA VAL B 298 -2.32 16.77 26.98
C VAL B 298 -2.86 15.53 26.34
N LEU B 299 -2.36 15.18 25.15
CA LEU B 299 -2.75 13.98 24.40
C LEU B 299 -2.55 12.72 25.20
N ARG B 300 -1.38 12.58 25.84
CA ARG B 300 -1.01 11.42 26.63
C ARG B 300 -2.07 11.21 27.71
N LEU B 301 -2.43 12.28 28.42
CA LEU B 301 -3.44 12.13 29.46
C LEU B 301 -4.79 11.79 28.90
N GLN B 302 -5.15 12.34 27.72
CA GLN B 302 -6.45 12.08 27.09
C GLN B 302 -6.58 10.60 26.80
N LEU B 303 -5.55 10.01 26.16
CA LEU B 303 -5.42 8.61 25.80
C LEU B 303 -5.38 7.71 27.02
N GLU B 304 -4.58 8.06 28.03
CA GLU B 304 -4.49 7.28 29.29
C GLU B 304 -5.88 7.14 29.97
N LYS B 305 -6.68 8.25 30.01
CA LYS B 305 -8.02 8.32 30.57
C LYS B 305 -9.00 7.43 29.76
N LEU B 306 -8.88 7.47 28.42
CA LEU B 306 -9.72 6.64 27.56
C LEU B 306 -9.42 5.14 27.83
N LEU B 307 -8.13 4.76 27.94
CA LEU B 307 -7.68 3.41 28.23
C LEU B 307 -8.18 2.93 29.62
N GLU B 308 -8.12 3.82 30.62
CA GLU B 308 -8.60 3.59 31.98
C GLU B 308 -10.10 3.30 32.03
N SER B 309 -10.92 3.96 31.17
CA SER B 309 -12.37 3.78 31.10
C SER B 309 -12.83 2.45 30.43
N LEU B 310 -11.99 1.83 29.60
CA LEU B 310 -12.32 0.56 28.93
C LEU B 310 -12.03 -0.62 29.85
N PRO B 311 -12.66 -1.81 29.66
CA PRO B 311 -12.31 -2.98 30.50
C PRO B 311 -10.90 -3.53 30.22
#